data_1G4T
#
_entry.id   1G4T
#
_cell.length_a   76.790
_cell.length_b   76.790
_cell.length_c   140.330
_cell.angle_alpha   90.00
_cell.angle_beta   90.00
_cell.angle_gamma   90.00
#
_symmetry.space_group_name_H-M   'P 43 21 2'
#
loop_
_entity.id
_entity.type
_entity.pdbx_description
1 polymer 'THIAMIN PHOSPHATE SYNTHASE'
2 non-polymer 'MAGNESIUM ION'
3 non-polymer 3-(4-AMINO-2-TRIFLUOROMETHYL-PYRIMIDIN-5-YLMETHYL)-4-METHYL-5-(2-PHOSPHONATOOXY-ETHYL)-THIAZOL-3-IUM
4 non-polymer 'PYROPHOSPHATE 2-'
5 water water
#
_entity_poly.entity_id   1
_entity_poly.type   'polypeptide(L)'
_entity_poly.pdbx_seq_one_letter_code
;HHGIRMTRISREMMKELLSVYFIMGSNNTKADPVTVVQKALKGGATLYQFREKGGDALTGEARIKFAEKAQAACREAGVP
FIVNDDVELALNLKADGIHIGQEDANAKEVRAAIGDMILGVSAHTMSEVKQAEEDGADYVGLGPIYPTETKKDTRAVQGV
SLIEAVRRQGISIPIVGIGGITIDNAAPVIQAGADGVSMISAISQAEDPESAARKFREEIQTYKTGR
;
_entity_poly.pdbx_strand_id   A,B
#
loop_
_chem_comp.id
_chem_comp.type
_chem_comp.name
_chem_comp.formula
FTP non-polymer 3-(4-AMINO-2-TRIFLUOROMETHYL-PYRIMIDIN-5-YLMETHYL)-4-METHYL-5-(2-PHOSPHONATOOXY-ETHYL)-THIAZOL-3-IUM 'C12 H13 F3 N4 O4 P S -1'
MG non-polymer 'MAGNESIUM ION' 'Mg 2'
POP non-polymer 'PYROPHOSPHATE 2-' 'H2 O7 P2 -2'
#
# COMPACT_ATOMS: atom_id res chain seq x y z
N HIS A 2 -9.94 2.13 -1.30
CA HIS A 2 -9.35 2.36 0.04
C HIS A 2 -7.85 2.61 -0.07
N GLY A 3 -7.46 3.89 -0.04
CA GLY A 3 -6.06 4.23 -0.15
C GLY A 3 -5.43 4.56 1.19
N ILE A 4 -4.30 5.27 1.16
CA ILE A 4 -3.62 5.66 2.38
C ILE A 4 -4.48 6.68 3.12
N ARG A 5 -4.86 6.35 4.35
CA ARG A 5 -5.70 7.24 5.13
C ARG A 5 -4.91 8.38 5.76
N MET A 6 -5.48 9.58 5.72
CA MET A 6 -4.85 10.75 6.30
C MET A 6 -5.69 11.26 7.47
N THR A 7 -6.72 10.51 7.80
CA THR A 7 -7.63 10.83 8.90
C THR A 7 -8.21 9.53 9.45
N ARG A 8 -8.64 9.54 10.70
CA ARG A 8 -9.23 8.36 11.33
C ARG A 8 -10.52 8.01 10.60
N ILE A 9 -10.77 6.72 10.41
CA ILE A 9 -11.98 6.28 9.73
C ILE A 9 -13.22 6.72 10.52
N SER A 10 -14.28 7.09 9.80
CA SER A 10 -15.52 7.53 10.45
C SER A 10 -16.24 6.32 11.02
N ARG A 11 -17.03 6.52 12.07
CA ARG A 11 -17.75 5.42 12.67
C ARG A 11 -18.81 4.85 11.73
N GLU A 12 -19.39 5.72 10.90
CA GLU A 12 -20.39 5.25 9.94
C GLU A 12 -19.76 4.29 8.95
N MET A 13 -18.60 4.65 8.40
CA MET A 13 -17.93 3.79 7.43
C MET A 13 -17.43 2.50 8.07
N MET A 14 -16.87 2.61 9.28
CA MET A 14 -16.36 1.44 9.97
C MET A 14 -17.48 0.44 10.22
N LYS A 15 -18.64 0.93 10.65
CA LYS A 15 -19.76 0.05 10.92
C LYS A 15 -20.26 -0.66 9.66
N GLU A 16 -20.14 -0.01 8.51
CA GLU A 16 -20.55 -0.62 7.26
C GLU A 16 -19.60 -1.75 6.89
N LEU A 17 -18.31 -1.53 7.10
CA LEU A 17 -17.28 -2.52 6.80
C LEU A 17 -17.36 -3.78 7.64
N LEU A 18 -17.87 -3.66 8.87
CA LEU A 18 -17.95 -4.80 9.77
C LEU A 18 -19.07 -5.79 9.46
N SER A 19 -20.00 -5.39 8.58
CA SER A 19 -21.14 -6.24 8.22
C SER A 19 -20.85 -7.74 8.12
N VAL A 20 -20.02 -8.13 7.16
CA VAL A 20 -19.64 -9.54 6.97
C VAL A 20 -18.11 -9.53 6.93
N TYR A 21 -17.52 -9.78 8.08
CA TYR A 21 -16.08 -9.74 8.31
C TYR A 21 -15.45 -11.14 8.31
N PHE A 22 -14.93 -11.54 7.15
CA PHE A 22 -14.29 -12.84 6.99
C PHE A 22 -12.84 -12.85 7.45
N ILE A 23 -12.48 -13.85 8.24
CA ILE A 23 -11.12 -14.01 8.75
C ILE A 23 -10.61 -15.37 8.29
N MET A 24 -9.35 -15.44 7.84
CA MET A 24 -8.84 -16.74 7.41
C MET A 24 -7.33 -16.86 7.28
N GLY A 25 -6.86 -18.09 7.50
CA GLY A 25 -5.47 -18.45 7.37
C GLY A 25 -5.46 -19.73 6.55
N SER A 26 -4.29 -20.12 6.05
CA SER A 26 -4.18 -21.33 5.22
C SER A 26 -4.60 -22.62 5.92
N ASN A 27 -4.52 -22.64 7.25
CA ASN A 27 -4.87 -23.82 8.02
C ASN A 27 -6.34 -23.90 8.45
N ASN A 28 -7.17 -23.02 7.89
CA ASN A 28 -8.60 -23.01 8.23
C ASN A 28 -9.46 -23.62 7.12
N THR A 29 -8.83 -24.13 6.07
CA THR A 29 -9.58 -24.72 4.96
C THR A 29 -8.78 -25.83 4.29
N LYS A 30 -9.47 -26.78 3.69
CA LYS A 30 -8.80 -27.86 2.99
C LYS A 30 -8.68 -27.53 1.49
N ALA A 31 -9.23 -26.39 1.10
CA ALA A 31 -9.16 -25.96 -0.30
C ALA A 31 -7.96 -25.02 -0.47
N ASP A 32 -7.81 -24.45 -1.67
CA ASP A 32 -6.71 -23.53 -1.89
C ASP A 32 -7.04 -22.23 -1.14
N PRO A 33 -6.16 -21.81 -0.22
CA PRO A 33 -6.39 -20.59 0.57
C PRO A 33 -6.82 -19.33 -0.18
N VAL A 34 -6.01 -18.89 -1.15
CA VAL A 34 -6.37 -17.69 -1.89
C VAL A 34 -7.68 -17.83 -2.65
N THR A 35 -7.91 -19.01 -3.21
CA THR A 35 -9.16 -19.25 -3.95
C THR A 35 -10.37 -19.04 -3.04
N VAL A 36 -10.27 -19.54 -1.81
CA VAL A 36 -11.38 -19.40 -0.86
C VAL A 36 -11.61 -17.91 -0.54
N VAL A 37 -10.53 -17.16 -0.35
CA VAL A 37 -10.65 -15.74 -0.05
C VAL A 37 -11.34 -15.03 -1.23
N GLN A 38 -10.92 -15.36 -2.45
CA GLN A 38 -11.51 -14.76 -3.63
C GLN A 38 -13.01 -15.03 -3.70
N LYS A 39 -13.40 -16.27 -3.41
CA LYS A 39 -14.81 -16.64 -3.42
C LYS A 39 -15.62 -15.92 -2.34
N ALA A 40 -15.03 -15.76 -1.16
CA ALA A 40 -15.70 -15.07 -0.06
C ALA A 40 -15.95 -13.61 -0.45
N LEU A 41 -14.95 -13.00 -1.09
CA LEU A 41 -15.07 -11.61 -1.51
C LEU A 41 -16.12 -11.46 -2.62
N LYS A 42 -16.10 -12.39 -3.58
CA LYS A 42 -17.06 -12.35 -4.68
C LYS A 42 -18.49 -12.48 -4.12
N GLY A 43 -18.64 -13.31 -3.11
CA GLY A 43 -19.94 -13.52 -2.49
C GLY A 43 -20.49 -12.31 -1.77
N GLY A 44 -19.60 -11.49 -1.20
CA GLY A 44 -20.07 -10.30 -0.51
C GLY A 44 -19.42 -9.93 0.80
N ALA A 45 -18.31 -10.58 1.17
CA ALA A 45 -17.65 -10.23 2.42
C ALA A 45 -17.27 -8.75 2.33
N THR A 46 -17.48 -8.01 3.41
CA THR A 46 -17.19 -6.58 3.40
C THR A 46 -15.83 -6.18 3.98
N LEU A 47 -15.16 -7.12 4.64
CA LEU A 47 -13.86 -6.85 5.22
C LEU A 47 -13.17 -8.20 5.37
N TYR A 48 -11.86 -8.22 5.25
CA TYR A 48 -11.09 -9.46 5.39
C TYR A 48 -9.88 -9.29 6.29
N GLN A 49 -9.65 -10.28 7.16
CA GLN A 49 -8.51 -10.25 8.06
C GLN A 49 -7.59 -11.44 7.78
N PHE A 50 -6.32 -11.13 7.52
CA PHE A 50 -5.29 -12.13 7.28
C PHE A 50 -4.82 -12.62 8.65
N ARG A 51 -5.15 -13.86 8.98
CA ARG A 51 -4.78 -14.46 10.27
C ARG A 51 -4.09 -15.79 10.01
N GLU A 52 -2.76 -15.77 10.01
CA GLU A 52 -1.94 -16.95 9.74
C GLU A 52 -1.06 -17.25 10.94
N LYS A 53 -1.51 -18.18 11.79
CA LYS A 53 -0.77 -18.53 13.00
C LYS A 53 -1.08 -19.94 13.47
N GLY A 54 -0.34 -20.39 14.47
CA GLY A 54 -0.56 -21.71 15.02
C GLY A 54 0.18 -22.80 14.28
N GLY A 55 -0.13 -24.04 14.63
CA GLY A 55 0.52 -25.17 13.98
C GLY A 55 0.02 -25.34 12.56
N ASP A 56 0.93 -25.74 11.67
CA ASP A 56 0.62 -25.97 10.26
C ASP A 56 0.58 -24.68 9.45
N ALA A 57 0.52 -23.54 10.13
CA ALA A 57 0.47 -22.26 9.42
C ALA A 57 1.78 -21.97 8.68
N LEU A 58 1.69 -21.18 7.62
CA LEU A 58 2.87 -20.81 6.85
C LEU A 58 3.71 -19.84 7.66
N THR A 59 5.02 -19.82 7.40
CA THR A 59 5.93 -18.93 8.10
C THR A 59 6.92 -18.34 7.10
N GLY A 60 7.75 -17.41 7.58
CA GLY A 60 8.75 -16.79 6.74
C GLY A 60 8.26 -16.18 5.45
N GLU A 61 9.07 -16.30 4.40
CA GLU A 61 8.76 -15.77 3.08
C GLU A 61 7.48 -16.33 2.49
N ALA A 62 7.18 -17.60 2.77
CA ALA A 62 5.97 -18.21 2.25
C ALA A 62 4.73 -17.51 2.81
N ARG A 63 4.79 -17.15 4.09
CA ARG A 63 3.68 -16.47 4.75
C ARG A 63 3.47 -15.08 4.16
N ILE A 64 4.58 -14.38 3.93
CA ILE A 64 4.51 -13.03 3.37
C ILE A 64 3.93 -13.06 1.96
N LYS A 65 4.38 -14.02 1.15
CA LYS A 65 3.88 -14.14 -0.22
C LYS A 65 2.38 -14.45 -0.24
N PHE A 66 1.93 -15.27 0.70
CA PHE A 66 0.51 -15.60 0.79
C PHE A 66 -0.26 -14.32 1.16
N ALA A 67 0.28 -13.55 2.09
CA ALA A 67 -0.37 -12.30 2.49
C ALA A 67 -0.50 -11.33 1.32
N GLU A 68 0.54 -11.26 0.48
CA GLU A 68 0.50 -10.37 -0.68
C GLU A 68 -0.61 -10.78 -1.64
N LYS A 69 -0.77 -12.07 -1.85
CA LYS A 69 -1.80 -12.56 -2.76
C LYS A 69 -3.21 -12.30 -2.22
N ALA A 70 -3.37 -12.45 -0.90
CA ALA A 70 -4.67 -12.20 -0.30
C ALA A 70 -4.98 -10.70 -0.36
N GLN A 71 -3.95 -9.88 -0.18
CA GLN A 71 -4.15 -8.43 -0.24
C GLN A 71 -4.54 -8.03 -1.67
N ALA A 72 -3.94 -8.67 -2.66
CA ALA A 72 -4.24 -8.39 -4.05
C ALA A 72 -5.70 -8.75 -4.36
N ALA A 73 -6.18 -9.85 -3.76
CA ALA A 73 -7.55 -10.29 -3.96
C ALA A 73 -8.50 -9.25 -3.37
N CYS A 74 -8.14 -8.70 -2.22
CA CYS A 74 -8.96 -7.68 -1.57
C CYS A 74 -8.99 -6.43 -2.43
N ARG A 75 -7.86 -6.09 -3.05
CA ARG A 75 -7.76 -4.92 -3.90
C ARG A 75 -8.71 -5.05 -5.09
N GLU A 76 -8.74 -6.24 -5.69
CA GLU A 76 -9.61 -6.47 -6.85
C GLU A 76 -11.09 -6.40 -6.50
N ALA A 77 -11.43 -6.78 -5.27
CA ALA A 77 -12.82 -6.77 -4.83
C ALA A 77 -13.23 -5.41 -4.21
N GLY A 78 -12.24 -4.54 -3.98
CA GLY A 78 -12.53 -3.24 -3.41
C GLY A 78 -12.86 -3.32 -1.93
N VAL A 79 -12.25 -4.29 -1.25
CA VAL A 79 -12.46 -4.56 0.18
C VAL A 79 -11.17 -4.32 0.98
N PRO A 80 -11.28 -3.72 2.18
CA PRO A 80 -10.07 -3.49 2.99
C PRO A 80 -9.41 -4.78 3.49
N PHE A 81 -8.10 -4.73 3.61
CA PHE A 81 -7.26 -5.85 4.05
C PHE A 81 -6.70 -5.54 5.44
N ILE A 82 -7.08 -6.35 6.43
CA ILE A 82 -6.65 -6.19 7.80
C ILE A 82 -5.69 -7.32 8.20
N VAL A 83 -4.62 -6.98 8.91
CA VAL A 83 -3.66 -7.99 9.35
C VAL A 83 -3.83 -8.26 10.85
N ASN A 84 -3.83 -9.54 11.24
CA ASN A 84 -3.96 -9.87 12.65
C ASN A 84 -2.60 -10.00 13.33
N ASP A 85 -2.49 -9.44 14.53
CA ASP A 85 -1.29 -9.50 15.37
C ASP A 85 -0.03 -8.76 14.93
N ASP A 86 0.43 -9.10 13.73
CA ASP A 86 1.68 -8.58 13.13
C ASP A 86 1.71 -7.13 12.67
N VAL A 87 2.09 -6.22 13.56
CA VAL A 87 2.16 -4.80 13.23
C VAL A 87 3.19 -4.53 12.13
N GLU A 88 4.35 -5.17 12.21
CA GLU A 88 5.38 -4.95 11.20
C GLU A 88 4.90 -5.35 9.81
N LEU A 89 4.19 -6.46 9.71
CA LEU A 89 3.69 -6.92 8.41
C LEU A 89 2.64 -5.95 7.88
N ALA A 90 1.78 -5.45 8.77
CA ALA A 90 0.75 -4.51 8.36
C ALA A 90 1.37 -3.26 7.76
N LEU A 91 2.44 -2.76 8.40
CA LEU A 91 3.12 -1.57 7.91
C LEU A 91 3.84 -1.84 6.59
N ASN A 92 4.54 -2.97 6.52
CA ASN A 92 5.30 -3.33 5.33
C ASN A 92 4.45 -3.52 4.07
N LEU A 93 3.26 -4.09 4.22
CA LEU A 93 2.36 -4.33 3.09
C LEU A 93 1.43 -3.16 2.83
N LYS A 94 1.46 -2.15 3.71
CA LYS A 94 0.56 -1.01 3.59
C LYS A 94 -0.87 -1.55 3.70
N ALA A 95 -1.10 -2.41 4.69
CA ALA A 95 -2.43 -2.97 4.90
C ALA A 95 -3.36 -1.83 5.32
N ASP A 96 -4.66 -2.07 5.26
CA ASP A 96 -5.62 -1.05 5.63
C ASP A 96 -5.80 -0.98 7.15
N GLY A 97 -5.40 -2.05 7.84
CA GLY A 97 -5.55 -2.05 9.28
C GLY A 97 -4.87 -3.23 9.97
N ILE A 98 -4.99 -3.23 11.30
CA ILE A 98 -4.40 -4.27 12.13
C ILE A 98 -5.38 -4.62 13.24
N HIS A 99 -5.43 -5.90 13.62
CA HIS A 99 -6.29 -6.34 14.71
C HIS A 99 -5.40 -6.95 15.78
N ILE A 100 -5.62 -6.59 17.04
CA ILE A 100 -4.83 -7.12 18.14
C ILE A 100 -5.72 -7.57 19.29
N GLY A 101 -5.17 -8.45 20.13
CA GLY A 101 -5.91 -8.95 21.28
C GLY A 101 -5.30 -8.48 22.59
N GLN A 102 -5.87 -8.93 23.71
CA GLN A 102 -5.40 -8.53 25.03
C GLN A 102 -3.99 -9.02 25.39
N GLU A 103 -3.53 -10.07 24.70
CA GLU A 103 -2.20 -10.63 24.96
C GLU A 103 -1.17 -10.15 23.93
N ASP A 104 -1.61 -9.28 23.02
CA ASP A 104 -0.72 -8.75 21.99
C ASP A 104 -0.15 -7.39 22.38
N ALA A 105 0.44 -6.68 21.42
CA ALA A 105 1.01 -5.37 21.69
C ALA A 105 -0.08 -4.45 22.23
N ASN A 106 0.30 -3.57 23.16
CA ASN A 106 -0.65 -2.64 23.75
C ASN A 106 -1.27 -1.73 22.69
N ALA A 107 -2.57 -1.52 22.78
CA ALA A 107 -3.29 -0.70 21.82
C ALA A 107 -2.73 0.72 21.67
N LYS A 108 -2.30 1.33 22.78
CA LYS A 108 -1.74 2.68 22.72
C LYS A 108 -0.47 2.65 21.87
N GLU A 109 0.37 1.66 22.11
CA GLU A 109 1.61 1.49 21.37
C GLU A 109 1.32 1.30 19.89
N VAL A 110 0.37 0.41 19.59
CA VAL A 110 0.00 0.13 18.21
C VAL A 110 -0.59 1.34 17.49
N ARG A 111 -1.50 2.05 18.14
CA ARG A 111 -2.10 3.24 17.52
C ARG A 111 -1.01 4.25 17.14
N ALA A 112 0.00 4.39 17.98
CA ALA A 112 1.08 5.34 17.70
C ALA A 112 1.94 4.91 16.51
N ALA A 113 2.06 3.61 16.30
CA ALA A 113 2.88 3.09 15.21
C ALA A 113 2.21 3.03 13.84
N ILE A 114 0.87 3.01 13.82
CA ILE A 114 0.14 2.89 12.56
C ILE A 114 -0.51 4.16 11.99
N GLY A 115 -0.35 5.29 12.66
CA GLY A 115 -0.97 6.50 12.16
C GLY A 115 -2.49 6.44 12.17
N ASP A 116 -3.10 6.64 11.00
CA ASP A 116 -4.56 6.63 10.88
C ASP A 116 -5.14 5.34 10.30
N MET A 117 -4.35 4.27 10.33
CA MET A 117 -4.78 2.96 9.84
C MET A 117 -5.92 2.44 10.74
N ILE A 118 -6.70 1.49 10.24
CA ILE A 118 -7.80 0.91 11.02
C ILE A 118 -7.24 0.04 12.15
N LEU A 119 -7.79 0.21 13.36
CA LEU A 119 -7.34 -0.58 14.49
C LEU A 119 -8.48 -1.28 15.19
N GLY A 120 -8.41 -2.60 15.24
CA GLY A 120 -9.42 -3.38 15.92
C GLY A 120 -8.84 -4.04 17.15
N VAL A 121 -9.64 -4.16 18.21
CA VAL A 121 -9.16 -4.78 19.44
C VAL A 121 -10.16 -5.80 19.96
N SER A 122 -9.66 -6.99 20.30
CA SER A 122 -10.52 -8.04 20.85
C SER A 122 -10.78 -7.70 22.32
N ALA A 123 -12.05 -7.75 22.72
CA ALA A 123 -12.42 -7.46 24.10
C ALA A 123 -13.43 -8.49 24.60
N HIS A 124 -13.40 -8.76 25.90
CA HIS A 124 -14.29 -9.76 26.48
C HIS A 124 -15.04 -9.24 27.70
N THR A 125 -14.63 -8.08 28.20
CA THR A 125 -15.27 -7.47 29.36
C THR A 125 -15.53 -6.00 29.15
N MET A 126 -16.39 -5.43 29.98
CA MET A 126 -16.74 -4.01 29.90
C MET A 126 -15.48 -3.14 30.04
N SER A 127 -14.61 -3.51 30.97
CA SER A 127 -13.39 -2.75 31.21
C SER A 127 -12.46 -2.75 30.00
N GLU A 128 -12.35 -3.90 29.33
CA GLU A 128 -11.49 -4.01 28.16
C GLU A 128 -12.06 -3.21 26.99
N VAL A 129 -13.39 -3.19 26.89
CA VAL A 129 -14.04 -2.44 25.83
C VAL A 129 -13.79 -0.95 26.03
N LYS A 130 -13.89 -0.49 27.27
CA LYS A 130 -13.67 0.92 27.57
C LYS A 130 -12.21 1.29 27.36
N GLN A 131 -11.31 0.41 27.75
CA GLN A 131 -9.88 0.66 27.60
C GLN A 131 -9.49 0.73 26.12
N ALA A 132 -10.13 -0.10 25.30
CA ALA A 132 -9.83 -0.12 23.87
C ALA A 132 -10.22 1.20 23.21
N GLU A 133 -11.39 1.71 23.57
CA GLU A 133 -11.87 2.96 23.01
C GLU A 133 -10.94 4.10 23.45
N GLU A 134 -10.53 4.06 24.71
CA GLU A 134 -9.64 5.07 25.27
C GLU A 134 -8.28 5.04 24.55
N ASP A 135 -7.82 3.84 24.21
CA ASP A 135 -6.54 3.68 23.54
C ASP A 135 -6.54 4.09 22.08
N GLY A 136 -7.72 4.29 21.50
CA GLY A 136 -7.81 4.70 20.12
C GLY A 136 -8.25 3.65 19.11
N ALA A 137 -8.89 2.58 19.58
CA ALA A 137 -9.36 1.56 18.66
C ALA A 137 -10.51 2.09 17.81
N ASP A 138 -10.60 1.61 16.57
CA ASP A 138 -11.67 2.01 15.67
C ASP A 138 -12.87 1.07 15.79
N TYR A 139 -12.62 -0.14 16.28
CA TYR A 139 -13.70 -1.12 16.49
C TYR A 139 -13.24 -2.18 17.48
N VAL A 140 -14.19 -2.90 18.06
CA VAL A 140 -13.86 -3.97 18.98
C VAL A 140 -14.54 -5.24 18.51
N GLY A 141 -13.87 -6.37 18.75
CA GLY A 141 -14.41 -7.67 18.39
C GLY A 141 -14.80 -8.34 19.68
N LEU A 142 -16.09 -8.59 19.87
CA LEU A 142 -16.59 -9.20 21.09
C LEU A 142 -17.00 -10.65 20.91
N GLY A 143 -16.63 -11.48 21.89
CA GLY A 143 -16.98 -12.90 21.83
C GLY A 143 -16.19 -13.68 22.85
N PRO A 144 -16.22 -15.02 22.79
CA PRO A 144 -16.99 -15.78 21.79
C PRO A 144 -18.48 -15.77 22.07
N ILE A 145 -19.27 -15.49 21.03
CA ILE A 145 -20.72 -15.45 21.17
C ILE A 145 -21.25 -16.87 21.37
N TYR A 146 -20.76 -17.78 20.54
CA TYR A 146 -21.17 -19.18 20.56
C TYR A 146 -19.93 -20.08 20.62
N PRO A 147 -20.12 -21.38 20.91
CA PRO A 147 -19.00 -22.32 21.00
C PRO A 147 -18.19 -22.39 19.70
N THR A 148 -16.87 -22.45 19.84
CA THR A 148 -15.99 -22.52 18.70
C THR A 148 -14.67 -23.21 19.06
N GLU A 149 -14.11 -23.93 18.11
CA GLU A 149 -12.86 -24.65 18.31
C GLU A 149 -11.79 -24.20 17.33
N THR A 150 -12.13 -23.26 16.46
CA THR A 150 -11.20 -22.75 15.46
C THR A 150 -9.98 -22.13 16.14
N LYS A 151 -10.24 -21.36 17.19
CA LYS A 151 -9.20 -20.75 18.00
C LYS A 151 -9.24 -21.55 19.29
N LYS A 152 -8.13 -22.23 19.61
CA LYS A 152 -8.07 -23.07 20.80
C LYS A 152 -8.17 -22.35 22.15
N ASP A 153 -7.40 -21.27 22.31
CA ASP A 153 -7.39 -20.53 23.56
C ASP A 153 -8.41 -19.40 23.62
N THR A 154 -9.69 -19.74 23.71
CA THR A 154 -10.74 -18.73 23.79
C THR A 154 -11.28 -18.60 25.20
N ARG A 155 -11.84 -17.43 25.49
CA ARG A 155 -12.42 -17.17 26.81
C ARG A 155 -13.83 -17.76 26.84
N ALA A 156 -14.46 -17.69 28.01
CA ALA A 156 -15.81 -18.23 28.20
C ALA A 156 -16.85 -17.70 27.22
N VAL A 157 -17.68 -18.60 26.71
CA VAL A 157 -18.74 -18.21 25.78
C VAL A 157 -19.66 -17.24 26.49
N GLN A 158 -20.01 -16.14 25.82
CA GLN A 158 -20.83 -15.09 26.44
C GLN A 158 -22.13 -14.73 25.72
N GLY A 159 -22.48 -15.44 24.65
CA GLY A 159 -23.69 -15.08 23.95
C GLY A 159 -23.62 -13.61 23.55
N VAL A 160 -24.75 -12.92 23.57
CA VAL A 160 -24.77 -11.50 23.20
C VAL A 160 -24.82 -10.59 24.43
N SER A 161 -24.50 -11.15 25.59
CA SER A 161 -24.54 -10.40 26.85
C SER A 161 -23.68 -9.14 26.89
N LEU A 162 -22.44 -9.25 26.43
CA LEU A 162 -21.55 -8.08 26.45
C LEU A 162 -21.99 -7.02 25.44
N ILE A 163 -22.44 -7.46 24.28
CA ILE A 163 -22.90 -6.53 23.25
C ILE A 163 -24.05 -5.68 23.80
N GLU A 164 -25.00 -6.32 24.47
CA GLU A 164 -26.13 -5.61 25.04
C GLU A 164 -25.71 -4.67 26.16
N ALA A 165 -24.80 -5.14 27.00
CA ALA A 165 -24.31 -4.34 28.12
C ALA A 165 -23.59 -3.08 27.65
N VAL A 166 -22.79 -3.24 26.60
CA VAL A 166 -22.04 -2.11 26.05
C VAL A 166 -22.99 -1.04 25.52
N ARG A 167 -24.00 -1.46 24.75
CA ARG A 167 -24.95 -0.52 24.19
C ARG A 167 -25.81 0.11 25.29
N ARG A 168 -26.09 -0.65 26.33
CA ARG A 168 -26.91 -0.14 27.44
C ARG A 168 -26.20 0.97 28.20
N GLN A 169 -24.86 0.94 28.20
CA GLN A 169 -24.09 1.97 28.90
C GLN A 169 -23.86 3.21 28.03
N GLY A 170 -24.45 3.20 26.83
CA GLY A 170 -24.31 4.35 25.95
C GLY A 170 -23.05 4.41 25.10
N ILE A 171 -22.34 3.29 25.00
CA ILE A 171 -21.12 3.25 24.20
C ILE A 171 -21.49 2.92 22.75
N SER A 172 -21.14 3.83 21.83
CA SER A 172 -21.49 3.64 20.41
C SER A 172 -20.34 3.22 19.51
N ILE A 173 -19.27 2.70 20.09
CA ILE A 173 -18.11 2.26 19.31
C ILE A 173 -18.52 1.11 18.38
N PRO A 174 -17.92 1.04 17.18
CA PRO A 174 -18.25 -0.04 16.25
C PRO A 174 -17.98 -1.41 16.88
N ILE A 175 -18.94 -2.32 16.77
CA ILE A 175 -18.80 -3.64 17.35
C ILE A 175 -19.07 -4.75 16.32
N VAL A 176 -18.25 -5.79 16.35
CA VAL A 176 -18.46 -6.94 15.50
C VAL A 176 -18.42 -8.14 16.43
N GLY A 177 -19.41 -9.02 16.29
CA GLY A 177 -19.46 -10.21 17.11
C GLY A 177 -18.69 -11.33 16.45
N ILE A 178 -18.11 -12.23 17.23
CA ILE A 178 -17.34 -13.33 16.68
C ILE A 178 -17.37 -14.58 17.56
N GLY A 179 -17.24 -15.74 16.92
CA GLY A 179 -17.22 -17.00 17.64
C GLY A 179 -18.38 -17.92 17.34
N GLY A 180 -18.12 -18.94 16.52
CA GLY A 180 -19.15 -19.92 16.18
C GLY A 180 -20.36 -19.37 15.45
N ILE A 181 -20.19 -18.24 14.76
CA ILE A 181 -21.30 -17.63 14.05
C ILE A 181 -21.56 -18.29 12.71
N THR A 182 -22.83 -18.61 12.47
CA THR A 182 -23.27 -19.24 11.23
C THR A 182 -24.43 -18.43 10.69
N ILE A 183 -24.89 -18.76 9.49
CA ILE A 183 -26.00 -18.02 8.91
C ILE A 183 -27.28 -18.21 9.74
N ASP A 184 -27.36 -19.32 10.47
CA ASP A 184 -28.54 -19.60 11.29
C ASP A 184 -28.59 -18.88 12.63
N ASN A 185 -27.45 -18.45 13.17
CA ASN A 185 -27.44 -17.76 14.45
C ASN A 185 -26.89 -16.33 14.42
N ALA A 186 -26.72 -15.77 13.23
CA ALA A 186 -26.17 -14.42 13.12
C ALA A 186 -27.14 -13.30 13.46
N ALA A 187 -28.41 -13.46 13.09
CA ALA A 187 -29.39 -12.41 13.34
C ALA A 187 -29.38 -11.84 14.77
N PRO A 188 -29.43 -12.71 15.80
CA PRO A 188 -29.42 -12.24 17.18
C PRO A 188 -28.25 -11.33 17.56
N VAL A 189 -27.12 -11.53 16.88
CA VAL A 189 -25.93 -10.72 17.17
C VAL A 189 -26.19 -9.28 16.71
N ILE A 190 -26.79 -9.13 15.54
CA ILE A 190 -27.09 -7.81 15.01
C ILE A 190 -28.21 -7.17 15.83
N GLN A 191 -29.23 -7.96 16.17
CA GLN A 191 -30.35 -7.45 16.95
C GLN A 191 -29.91 -6.97 18.33
N ALA A 192 -28.85 -7.56 18.85
CA ALA A 192 -28.32 -7.18 20.16
C ALA A 192 -27.60 -5.84 20.12
N GLY A 193 -27.27 -5.37 18.92
CA GLY A 193 -26.59 -4.09 18.80
C GLY A 193 -25.27 -4.09 18.06
N ALA A 194 -24.83 -5.27 17.62
CA ALA A 194 -23.57 -5.35 16.87
C ALA A 194 -23.73 -4.73 15.49
N ASP A 195 -22.61 -4.30 14.92
CA ASP A 195 -22.62 -3.69 13.60
C ASP A 195 -22.27 -4.69 12.51
N GLY A 196 -22.01 -5.92 12.92
CA GLY A 196 -21.69 -6.96 11.95
C GLY A 196 -21.28 -8.24 12.64
N VAL A 197 -21.03 -9.28 11.85
CA VAL A 197 -20.59 -10.56 12.38
C VAL A 197 -19.30 -10.95 11.67
N SER A 198 -18.44 -11.66 12.39
CA SER A 198 -17.17 -12.11 11.85
C SER A 198 -17.15 -13.63 11.97
N MET A 199 -16.54 -14.28 10.99
CA MET A 199 -16.48 -15.73 10.99
C MET A 199 -15.30 -16.29 10.24
N ILE A 200 -14.91 -17.51 10.60
CA ILE A 200 -13.84 -18.20 9.89
C ILE A 200 -14.45 -19.43 9.23
N SER A 201 -14.66 -20.49 10.01
CA SER A 201 -15.17 -21.75 9.48
C SER A 201 -16.50 -21.77 8.73
N ALA A 202 -17.46 -20.93 9.11
CA ALA A 202 -18.75 -20.90 8.43
C ALA A 202 -18.57 -20.66 6.94
N ILE A 203 -17.52 -19.94 6.57
CA ILE A 203 -17.23 -19.66 5.18
C ILE A 203 -16.03 -20.46 4.66
N SER A 204 -14.93 -20.48 5.43
CA SER A 204 -13.73 -21.19 5.00
C SER A 204 -13.91 -22.68 4.78
N GLN A 205 -14.82 -23.30 5.52
CA GLN A 205 -15.05 -24.74 5.39
C GLN A 205 -16.36 -25.09 4.70
N ALA A 206 -16.98 -24.08 4.09
CA ALA A 206 -18.24 -24.29 3.38
C ALA A 206 -17.95 -24.95 2.03
N GLU A 207 -18.86 -25.81 1.59
CA GLU A 207 -18.67 -26.48 0.32
C GLU A 207 -18.78 -25.43 -0.80
N ASP A 208 -19.50 -24.35 -0.51
CA ASP A 208 -19.69 -23.25 -1.46
C ASP A 208 -19.46 -21.93 -0.71
N PRO A 209 -18.18 -21.54 -0.53
CA PRO A 209 -17.87 -20.30 0.17
C PRO A 209 -18.48 -19.02 -0.42
N GLU A 210 -18.60 -18.96 -1.74
CA GLU A 210 -19.19 -17.79 -2.39
C GLU A 210 -20.65 -17.64 -1.96
N SER A 211 -21.41 -18.74 -2.05
CA SER A 211 -22.82 -18.70 -1.69
C SER A 211 -23.01 -18.39 -0.20
N ALA A 212 -22.14 -18.95 0.64
CA ALA A 212 -22.23 -18.73 2.07
C ALA A 212 -22.03 -17.24 2.38
N ALA A 213 -21.04 -16.62 1.74
CA ALA A 213 -20.77 -15.20 1.97
C ALA A 213 -21.93 -14.35 1.47
N ARG A 214 -22.53 -14.76 0.36
CA ARG A 214 -23.66 -14.04 -0.21
C ARG A 214 -24.85 -14.09 0.73
N LYS A 215 -25.10 -15.25 1.31
CA LYS A 215 -26.21 -15.42 2.24
C LYS A 215 -26.01 -14.51 3.45
N PHE A 216 -24.78 -14.50 3.96
CA PHE A 216 -24.45 -13.64 5.10
C PHE A 216 -24.73 -12.17 4.76
N ARG A 217 -24.25 -11.74 3.60
CA ARG A 217 -24.43 -10.36 3.17
C ARG A 217 -25.90 -9.97 3.12
N GLU A 218 -26.73 -10.82 2.52
CA GLU A 218 -28.16 -10.55 2.41
C GLU A 218 -28.83 -10.51 3.78
N GLU A 219 -28.53 -11.52 4.60
CA GLU A 219 -29.10 -11.62 5.94
C GLU A 219 -28.76 -10.43 6.83
N ILE A 220 -27.47 -10.09 6.91
CA ILE A 220 -27.04 -8.97 7.75
C ILE A 220 -27.66 -7.64 7.35
N GLN A 221 -27.78 -7.39 6.04
CA GLN A 221 -28.37 -6.14 5.58
C GLN A 221 -29.81 -6.05 6.07
N THR A 222 -30.53 -7.16 5.93
CA THR A 222 -31.93 -7.24 6.35
C THR A 222 -32.09 -6.93 7.84
N TYR A 223 -31.24 -7.52 8.67
CA TYR A 223 -31.37 -7.28 10.09
C TYR A 223 -30.85 -5.94 10.58
N LYS A 224 -29.92 -5.32 9.84
CA LYS A 224 -29.43 -4.02 10.25
C LYS A 224 -30.53 -2.99 10.01
N THR A 225 -31.33 -3.21 8.97
CA THR A 225 -32.43 -2.30 8.65
C THR A 225 -33.59 -2.55 9.62
N GLY A 226 -33.76 -3.81 10.01
CA GLY A 226 -34.84 -4.18 10.92
C GLY A 226 -34.62 -3.90 12.38
N ARG A 227 -33.47 -3.34 12.75
CA ARG A 227 -33.19 -3.04 14.15
C ARG A 227 -32.55 -1.66 14.31
N HIS B 1 10.47 -5.04 1.32
CA HIS B 1 9.21 -4.25 1.28
C HIS B 1 9.39 -2.78 1.63
N HIS B 2 8.70 -1.93 0.88
CA HIS B 2 8.71 -0.49 1.10
C HIS B 2 7.32 -0.20 1.64
N GLY B 3 7.19 -0.19 2.97
CA GLY B 3 5.91 0.02 3.60
C GLY B 3 5.50 1.47 3.80
N ILE B 4 4.44 1.68 4.55
CA ILE B 4 3.99 3.04 4.80
C ILE B 4 5.01 3.75 5.67
N ARG B 5 5.30 5.00 5.32
CA ARG B 5 6.27 5.78 6.06
C ARG B 5 5.63 6.66 7.12
N MET B 6 6.25 6.69 8.29
CA MET B 6 5.78 7.49 9.41
C MET B 6 6.81 8.60 9.66
N THR B 7 7.78 8.68 8.77
CA THR B 7 8.83 9.69 8.83
C THR B 7 9.40 9.77 7.43
N ARG B 8 9.92 10.94 7.05
CA ARG B 8 10.46 11.08 5.71
C ARG B 8 11.72 10.25 5.50
N ILE B 9 11.90 9.80 4.27
CA ILE B 9 13.04 8.96 3.90
C ILE B 9 14.36 9.68 4.19
N SER B 10 15.37 8.93 4.60
CA SER B 10 16.67 9.52 4.89
C SER B 10 17.33 9.90 3.57
N ARG B 11 18.20 10.90 3.62
CA ARG B 11 18.91 11.33 2.41
C ARG B 11 19.75 10.18 1.87
N GLU B 12 20.36 9.41 2.77
CA GLU B 12 21.19 8.29 2.35
C GLU B 12 20.40 7.24 1.56
N MET B 13 19.23 6.85 2.07
CA MET B 13 18.43 5.85 1.36
C MET B 13 17.88 6.38 0.05
N MET B 14 17.46 7.64 0.04
CA MET B 14 16.93 8.25 -1.17
C MET B 14 17.99 8.24 -2.27
N LYS B 15 19.22 8.57 -1.91
CA LYS B 15 20.32 8.60 -2.89
C LYS B 15 20.60 7.22 -3.48
N GLU B 16 20.43 6.17 -2.69
CA GLU B 16 20.65 4.82 -3.19
C GLU B 16 19.56 4.45 -4.20
N LEU B 17 18.33 4.85 -3.90
CA LEU B 17 17.19 4.57 -4.79
C LEU B 17 17.28 5.23 -6.16
N LEU B 18 17.92 6.39 -6.23
CA LEU B 18 18.03 7.12 -7.48
C LEU B 18 19.02 6.60 -8.51
N SER B 19 19.89 5.66 -8.12
CA SER B 19 20.93 5.11 -9.01
C SER B 19 20.50 4.93 -10.48
N VAL B 20 19.54 4.04 -10.71
CA VAL B 20 19.01 3.78 -12.06
C VAL B 20 17.49 3.90 -11.94
N TYR B 21 17.01 5.09 -12.24
CA TYR B 21 15.60 5.47 -12.13
C TYR B 21 14.85 5.39 -13.47
N PHE B 22 14.19 4.26 -13.70
CA PHE B 22 13.45 4.03 -14.95
C PHE B 22 12.04 4.62 -14.91
N ILE B 23 11.69 5.33 -15.98
CA ILE B 23 10.38 5.96 -16.10
C ILE B 23 9.73 5.43 -17.39
N MET B 24 8.45 5.07 -17.32
CA MET B 24 7.80 4.57 -18.52
C MET B 24 6.28 4.58 -18.51
N GLY B 25 5.75 4.78 -19.71
CA GLY B 25 4.31 4.77 -19.96
C GLY B 25 4.11 3.79 -21.10
N SER B 26 2.88 3.34 -21.33
CA SER B 26 2.61 2.38 -22.40
C SER B 26 3.01 2.88 -23.78
N ASN B 27 2.98 4.20 -23.98
CA ASN B 27 3.33 4.78 -25.27
C ASN B 27 4.81 5.07 -25.48
N ASN B 28 5.67 4.49 -24.63
CA ASN B 28 7.11 4.69 -24.74
C ASN B 28 7.80 3.44 -25.28
N THR B 29 7.02 2.44 -25.66
CA THR B 29 7.58 1.19 -26.19
C THR B 29 6.65 0.51 -27.18
N LYS B 30 7.22 -0.32 -28.04
CA LYS B 30 6.45 -1.06 -29.03
C LYS B 30 6.26 -2.50 -28.55
N ALA B 31 7.04 -2.88 -27.54
CA ALA B 31 6.96 -4.22 -26.96
C ALA B 31 5.83 -4.24 -25.95
N ASP B 32 5.66 -5.37 -25.24
CA ASP B 32 4.61 -5.44 -24.24
C ASP B 32 5.03 -4.54 -23.07
N PRO B 33 4.23 -3.51 -22.78
CA PRO B 33 4.53 -2.56 -21.69
C PRO B 33 4.91 -3.17 -20.35
N VAL B 34 4.05 -4.03 -19.81
CA VAL B 34 4.33 -4.65 -18.52
C VAL B 34 5.61 -5.47 -18.55
N THR B 35 5.85 -6.17 -19.65
CA THR B 35 7.06 -6.99 -19.78
C THR B 35 8.33 -6.13 -19.74
N VAL B 36 8.29 -4.96 -20.39
CA VAL B 36 9.44 -4.05 -20.39
C VAL B 36 9.75 -3.59 -18.96
N VAL B 37 8.70 -3.26 -18.20
CA VAL B 37 8.90 -2.83 -16.82
C VAL B 37 9.50 -3.96 -15.99
N GLN B 38 8.99 -5.17 -16.17
CA GLN B 38 9.50 -6.32 -15.43
C GLN B 38 10.97 -6.58 -15.78
N LYS B 39 11.31 -6.47 -17.06
CA LYS B 39 12.68 -6.70 -17.49
C LYS B 39 13.65 -5.66 -16.95
N ALA B 40 13.22 -4.40 -16.93
CA ALA B 40 14.05 -3.32 -16.41
C ALA B 40 14.34 -3.55 -14.93
N LEU B 41 13.33 -3.99 -14.19
CA LEU B 41 13.50 -4.27 -12.77
C LEU B 41 14.43 -5.46 -12.58
N LYS B 42 14.21 -6.51 -13.37
CA LYS B 42 15.01 -7.72 -13.31
C LYS B 42 16.49 -7.39 -13.56
N GLY B 43 16.73 -6.46 -14.48
CA GLY B 43 18.08 -6.07 -14.82
C GLY B 43 18.79 -5.19 -13.80
N GLY B 44 18.05 -4.51 -12.95
CA GLY B 44 18.70 -3.68 -11.96
C GLY B 44 18.18 -2.27 -11.69
N ALA B 45 17.06 -1.89 -12.29
CA ALA B 45 16.51 -0.55 -12.03
C ALA B 45 16.26 -0.46 -10.53
N THR B 46 16.63 0.66 -9.91
CA THR B 46 16.46 0.82 -8.48
C THR B 46 15.20 1.59 -8.07
N LEU B 47 14.54 2.18 -9.05
CA LEU B 47 13.34 2.96 -8.80
C LEU B 47 12.56 3.05 -10.10
N TYR B 48 11.24 3.08 -10.01
CA TYR B 48 10.40 3.16 -11.20
C TYR B 48 9.29 4.18 -11.06
N GLN B 49 9.07 4.94 -12.13
CA GLN B 49 8.02 5.95 -12.13
C GLN B 49 6.98 5.67 -13.22
N PHE B 50 5.72 5.62 -12.81
CA PHE B 50 4.61 5.40 -13.73
C PHE B 50 4.24 6.76 -14.29
N ARG B 51 4.51 6.95 -15.58
CA ARG B 51 4.23 8.21 -16.27
C ARG B 51 3.46 7.87 -17.53
N GLU B 52 2.16 8.14 -17.52
CA GLU B 52 1.29 7.83 -18.63
C GLU B 52 0.57 9.08 -19.12
N LYS B 53 1.16 9.74 -20.11
CA LYS B 53 0.56 10.96 -20.65
C LYS B 53 0.90 11.14 -22.13
N GLY B 54 0.11 11.97 -22.81
CA GLY B 54 0.33 12.19 -24.23
C GLY B 54 -0.92 11.81 -25.03
N GLY B 55 -0.92 12.17 -26.30
CA GLY B 55 -2.07 11.88 -27.15
C GLY B 55 -2.53 10.44 -27.25
N ASP B 56 -1.58 9.51 -27.24
CA ASP B 56 -1.90 8.09 -27.34
C ASP B 56 -1.78 7.37 -26.00
N ALA B 57 -1.82 8.13 -24.91
CA ALA B 57 -1.72 7.55 -23.58
C ALA B 57 -3.01 6.85 -23.19
N LEU B 58 -2.89 5.83 -22.32
CA LEU B 58 -4.05 5.10 -21.86
C LEU B 58 -4.85 5.99 -20.92
N THR B 59 -6.16 5.77 -20.87
CA THR B 59 -7.04 6.54 -19.99
C THR B 59 -7.98 5.59 -19.27
N GLY B 60 -8.76 6.13 -18.34
CA GLY B 60 -9.72 5.32 -17.60
C GLY B 60 -9.24 4.02 -17.00
N GLU B 61 -10.05 2.98 -17.15
CA GLU B 61 -9.74 1.66 -16.60
C GLU B 61 -8.44 1.07 -17.15
N ALA B 62 -8.21 1.22 -18.45
CA ALA B 62 -6.98 0.68 -19.05
C ALA B 62 -5.75 1.30 -18.36
N ARG B 63 -5.83 2.59 -18.07
CA ARG B 63 -4.73 3.29 -17.40
C ARG B 63 -4.51 2.77 -15.99
N ILE B 64 -5.59 2.64 -15.23
CA ILE B 64 -5.50 2.14 -13.85
C ILE B 64 -4.97 0.70 -13.78
N LYS B 65 -5.46 -0.16 -14.67
CA LYS B 65 -5.01 -1.54 -14.67
C LYS B 65 -3.52 -1.66 -15.01
N PHE B 66 -3.04 -0.84 -15.93
CA PHE B 66 -1.63 -0.88 -16.27
C PHE B 66 -0.80 -0.43 -15.07
N ALA B 67 -1.25 0.63 -14.40
CA ALA B 67 -0.57 1.14 -13.22
C ALA B 67 -0.48 0.05 -12.15
N GLU B 68 -1.59 -0.65 -11.93
CA GLU B 68 -1.62 -1.71 -10.92
C GLU B 68 -0.65 -2.85 -11.26
N LYS B 69 -0.56 -3.20 -12.54
CA LYS B 69 0.36 -4.27 -12.94
C LYS B 69 1.81 -3.82 -12.79
N ALA B 70 2.09 -2.57 -13.11
CA ALA B 70 3.44 -2.06 -12.98
C ALA B 70 3.80 -2.01 -11.49
N GLN B 71 2.83 -1.64 -10.66
CA GLN B 71 3.05 -1.57 -9.22
C GLN B 71 3.33 -2.97 -8.66
N ALA B 72 2.62 -3.96 -9.19
CA ALA B 72 2.80 -5.34 -8.75
C ALA B 72 4.21 -5.82 -9.10
N ALA B 73 4.69 -5.43 -10.28
CA ALA B 73 6.03 -5.83 -10.71
C ALA B 73 7.07 -5.23 -9.75
N CYS B 74 6.84 -3.98 -9.36
CA CYS B 74 7.75 -3.31 -8.44
C CYS B 74 7.77 -4.03 -7.09
N ARG B 75 6.60 -4.44 -6.62
CA ARG B 75 6.52 -5.14 -5.34
C ARG B 75 7.29 -6.46 -5.41
N GLU B 76 7.15 -7.19 -6.51
CA GLU B 76 7.85 -8.46 -6.67
C GLU B 76 9.37 -8.27 -6.68
N ALA B 77 9.82 -7.16 -7.24
CA ALA B 77 11.24 -6.86 -7.34
C ALA B 77 11.81 -6.15 -6.12
N GLY B 78 10.93 -5.70 -5.22
CA GLY B 78 11.38 -5.00 -4.03
C GLY B 78 11.87 -3.59 -4.32
N VAL B 79 11.25 -2.96 -5.32
CA VAL B 79 11.60 -1.61 -5.75
C VAL B 79 10.42 -0.67 -5.55
N PRO B 80 10.68 0.58 -5.14
CA PRO B 80 9.58 1.53 -4.94
C PRO B 80 8.88 1.95 -6.24
N PHE B 81 7.57 2.16 -6.13
CA PHE B 81 6.70 2.56 -7.25
C PHE B 81 6.30 4.02 -7.06
N ILE B 82 6.73 4.88 -7.99
CA ILE B 82 6.44 6.32 -7.94
C ILE B 82 5.43 6.69 -9.04
N VAL B 83 4.47 7.54 -8.71
CA VAL B 83 3.46 8.00 -9.66
C VAL B 83 3.75 9.44 -10.10
N ASN B 84 3.69 9.70 -11.40
CA ASN B 84 3.93 11.04 -11.90
C ASN B 84 2.64 11.86 -11.95
N ASP B 85 2.73 13.13 -11.54
CA ASP B 85 1.61 14.08 -11.56
C ASP B 85 0.38 13.88 -10.68
N ASP B 86 -0.26 12.73 -10.83
CA ASP B 86 -1.52 12.41 -10.14
C ASP B 86 -1.48 12.09 -8.65
N VAL B 87 -1.73 13.09 -7.82
CA VAL B 87 -1.74 12.91 -6.37
C VAL B 87 -2.82 11.94 -5.91
N GLU B 88 -4.02 12.09 -6.46
CA GLU B 88 -5.12 11.20 -6.08
C GLU B 88 -4.80 9.75 -6.39
N LEU B 89 -4.18 9.51 -7.55
CA LEU B 89 -3.83 8.15 -7.93
C LEU B 89 -2.77 7.58 -7.00
N ALA B 90 -1.78 8.40 -6.65
CA ALA B 90 -0.72 7.95 -5.76
C ALA B 90 -1.29 7.53 -4.40
N LEU B 91 -2.27 8.27 -3.91
CA LEU B 91 -2.88 7.95 -2.63
C LEU B 91 -3.78 6.72 -2.74
N ASN B 92 -4.55 6.65 -3.82
CA ASN B 92 -5.47 5.53 -4.01
C ASN B 92 -4.78 4.19 -4.22
N LEU B 93 -3.65 4.20 -4.92
CA LEU B 93 -2.91 2.96 -5.18
C LEU B 93 -1.93 2.65 -4.05
N LYS B 94 -1.75 3.60 -3.13
CA LYS B 94 -0.79 3.44 -2.04
C LYS B 94 0.61 3.34 -2.64
N ALA B 95 0.93 4.28 -3.52
CA ALA B 95 2.24 4.32 -4.16
C ALA B 95 3.30 4.66 -3.13
N ASP B 96 4.56 4.45 -3.48
CA ASP B 96 5.64 4.73 -2.55
C ASP B 96 6.10 6.18 -2.65
N GLY B 97 5.63 6.85 -3.69
CA GLY B 97 6.00 8.24 -3.87
C GLY B 97 5.28 8.89 -5.03
N ILE B 98 5.54 10.19 -5.20
CA ILE B 98 4.92 10.96 -6.27
C ILE B 98 5.95 11.94 -6.81
N HIS B 99 5.91 12.19 -8.11
CA HIS B 99 6.81 13.15 -8.73
C HIS B 99 5.97 14.25 -9.37
N ILE B 100 6.37 15.51 -9.16
CA ILE B 100 5.66 16.65 -9.72
C ILE B 100 6.61 17.65 -10.36
N GLY B 101 6.07 18.44 -11.29
CA GLY B 101 6.86 19.45 -11.96
C GLY B 101 6.44 20.86 -11.56
N GLN B 102 7.07 21.87 -12.17
CA GLN B 102 6.79 23.26 -11.86
C GLN B 102 5.40 23.74 -12.25
N GLU B 103 4.73 23.03 -13.15
CA GLU B 103 3.39 23.41 -13.58
C GLU B 103 2.31 22.53 -12.95
N ASP B 104 2.71 21.62 -12.08
CA ASP B 104 1.75 20.74 -11.40
C ASP B 104 1.36 21.35 -10.06
N ALA B 105 0.76 20.56 -9.18
CA ALA B 105 0.36 21.06 -7.87
C ALA B 105 1.56 21.59 -7.07
N ASN B 106 1.34 22.62 -6.29
CA ASN B 106 2.41 23.19 -5.47
C ASN B 106 2.99 22.16 -4.52
N ALA B 107 4.31 22.11 -4.44
CA ALA B 107 5.01 21.15 -3.59
C ALA B 107 4.62 21.16 -2.13
N LYS B 108 4.40 22.34 -1.56
CA LYS B 108 4.01 22.42 -0.16
C LYS B 108 2.66 21.74 0.06
N GLU B 109 1.74 21.95 -0.86
CA GLU B 109 0.41 21.35 -0.77
C GLU B 109 0.49 19.83 -0.92
N VAL B 110 1.32 19.37 -1.86
CA VAL B 110 1.48 17.94 -2.10
C VAL B 110 2.17 17.28 -0.89
N ARG B 111 3.18 17.95 -0.34
CA ARG B 111 3.91 17.44 0.82
C ARG B 111 2.93 17.12 1.95
N ALA B 112 1.97 18.02 2.17
CA ALA B 112 0.97 17.82 3.22
C ALA B 112 -0.05 16.74 2.88
N ALA B 113 -0.43 16.66 1.61
CA ALA B 113 -1.42 15.69 1.17
C ALA B 113 -0.96 14.23 1.16
N ILE B 114 0.33 14.00 0.94
CA ILE B 114 0.86 12.63 0.88
C ILE B 114 1.53 12.11 2.14
N GLY B 115 1.51 12.91 3.20
CA GLY B 115 2.15 12.47 4.42
C GLY B 115 3.65 12.37 4.27
N ASP B 116 4.21 11.21 4.57
CA ASP B 116 5.66 11.01 4.49
C ASP B 116 6.16 10.19 3.32
N MET B 117 5.33 9.99 2.29
CA MET B 117 5.80 9.21 1.15
C MET B 117 6.85 10.01 0.39
N ILE B 118 7.54 9.36 -0.53
CA ILE B 118 8.58 10.02 -1.31
C ILE B 118 8.02 11.11 -2.23
N LEU B 119 8.67 12.27 -2.22
CA LEU B 119 8.27 13.39 -3.06
C LEU B 119 9.42 13.89 -3.93
N GLY B 120 9.24 13.80 -5.24
CA GLY B 120 10.25 14.28 -6.17
C GLY B 120 9.71 15.51 -6.88
N VAL B 121 10.59 16.48 -7.14
CA VAL B 121 10.20 17.72 -7.83
C VAL B 121 11.17 18.02 -8.98
N SER B 122 10.62 18.29 -10.16
CA SER B 122 11.46 18.66 -11.31
C SER B 122 11.89 20.12 -11.12
N ALA B 123 13.17 20.40 -11.30
CA ALA B 123 13.70 21.75 -11.14
C ALA B 123 14.66 22.07 -12.28
N HIS B 124 14.74 23.33 -12.67
CA HIS B 124 15.60 23.71 -13.77
C HIS B 124 16.48 24.92 -13.49
N THR B 125 16.31 25.52 -12.31
CA THR B 125 17.11 26.68 -11.91
C THR B 125 17.49 26.53 -10.44
N MET B 126 18.53 27.25 -10.03
CA MET B 126 18.98 27.21 -8.64
C MET B 126 17.86 27.58 -7.67
N SER B 127 17.09 28.61 -8.01
CA SER B 127 15.99 29.04 -7.16
C SER B 127 14.94 27.94 -6.99
N GLU B 128 14.65 27.23 -8.07
CA GLU B 128 13.66 26.15 -8.01
C GLU B 128 14.18 25.00 -7.16
N VAL B 129 15.50 24.75 -7.22
CA VAL B 129 16.08 23.68 -6.42
C VAL B 129 15.96 24.03 -4.94
N LYS B 130 16.32 25.27 -4.59
CA LYS B 130 16.24 25.70 -3.20
C LYS B 130 14.80 25.72 -2.69
N GLN B 131 13.86 26.08 -3.57
CA GLN B 131 12.45 26.13 -3.18
C GLN B 131 11.92 24.71 -2.95
N ALA B 132 12.35 23.77 -3.78
CA ALA B 132 11.91 22.39 -3.64
C ALA B 132 12.37 21.83 -2.31
N GLU B 133 13.61 22.12 -1.94
CA GLU B 133 14.15 21.64 -0.68
C GLU B 133 13.35 22.23 0.49
N GLU B 134 13.08 23.53 0.43
CA GLU B 134 12.33 24.21 1.47
C GLU B 134 10.89 23.67 1.55
N ASP B 135 10.31 23.31 0.41
CA ASP B 135 8.95 22.80 0.34
C ASP B 135 8.78 21.38 0.86
N GLY B 136 9.89 20.69 1.06
CA GLY B 136 9.82 19.33 1.57
C GLY B 136 10.06 18.21 0.57
N ALA B 137 10.68 18.52 -0.56
CA ALA B 137 10.96 17.49 -1.55
C ALA B 137 12.06 16.57 -1.02
N ASP B 138 11.98 15.28 -1.35
CA ASP B 138 12.99 14.34 -0.92
C ASP B 138 14.11 14.22 -1.96
N TYR B 139 13.79 14.61 -3.20
CA TYR B 139 14.80 14.61 -4.26
C TYR B 139 14.34 15.53 -5.38
N VAL B 140 15.27 15.95 -6.22
CA VAL B 140 14.95 16.80 -7.36
C VAL B 140 15.46 16.15 -8.64
N GLY B 141 14.70 16.35 -9.72
CA GLY B 141 15.08 15.82 -11.02
C GLY B 141 15.53 17.00 -11.85
N LEU B 142 16.81 17.02 -12.22
CA LEU B 142 17.35 18.12 -12.99
C LEU B 142 17.62 17.75 -14.44
N GLY B 143 17.23 18.65 -15.33
CA GLY B 143 17.43 18.40 -16.75
C GLY B 143 16.68 19.41 -17.58
N PRO B 144 16.60 19.21 -18.91
CA PRO B 144 17.22 18.06 -19.58
C PRO B 144 18.74 18.21 -19.65
N ILE B 145 19.45 17.13 -19.33
CA ILE B 145 20.91 17.16 -19.37
C ILE B 145 21.38 17.18 -20.82
N TYR B 146 20.75 16.32 -21.64
CA TYR B 146 21.08 16.20 -23.05
C TYR B 146 19.79 16.29 -23.87
N PRO B 147 19.91 16.47 -25.19
CA PRO B 147 18.72 16.58 -26.06
C PRO B 147 17.78 15.37 -25.93
N THR B 148 16.48 15.64 -25.91
CA THR B 148 15.47 14.58 -25.81
C THR B 148 14.19 14.98 -26.52
N GLU B 149 13.53 14.01 -27.13
CA GLU B 149 12.28 14.24 -27.83
C GLU B 149 11.15 13.41 -27.21
N THR B 150 11.48 12.63 -26.19
CA THR B 150 10.48 11.79 -25.53
C THR B 150 9.42 12.66 -24.86
N LYS B 151 9.87 13.76 -24.27
CA LYS B 151 8.98 14.75 -23.67
C LYS B 151 9.17 15.96 -24.58
N LYS B 152 8.08 16.43 -25.19
CA LYS B 152 8.15 17.54 -26.13
C LYS B 152 8.24 18.94 -25.52
N ASP B 153 7.47 19.18 -24.45
CA ASP B 153 7.49 20.50 -23.82
C ASP B 153 8.57 20.57 -22.74
N THR B 154 9.83 20.49 -23.16
CA THR B 154 10.94 20.54 -22.22
C THR B 154 11.66 21.88 -22.21
N ARG B 155 12.32 22.18 -21.08
CA ARG B 155 13.06 23.42 -20.95
C ARG B 155 14.40 23.28 -21.67
N ALA B 156 15.17 24.38 -21.69
CA ALA B 156 16.45 24.40 -22.36
C ALA B 156 17.45 23.37 -21.84
N VAL B 157 18.19 22.76 -22.76
CA VAL B 157 19.20 21.77 -22.38
C VAL B 157 20.24 22.49 -21.52
N GLN B 158 20.61 21.87 -20.40
CA GLN B 158 21.56 22.48 -19.48
C GLN B 158 22.83 21.69 -19.19
N GLY B 159 22.98 20.52 -19.81
CA GLY B 159 24.17 19.73 -19.54
C GLY B 159 24.21 19.45 -18.04
N VAL B 160 25.42 19.42 -17.45
CA VAL B 160 25.53 19.16 -16.02
C VAL B 160 25.78 20.45 -15.23
N SER B 161 25.58 21.59 -15.87
CA SER B 161 25.81 22.89 -15.23
C SER B 161 25.07 23.13 -13.93
N LEU B 162 23.79 22.79 -13.87
CA LEU B 162 23.02 23.02 -12.65
C LEU B 162 23.43 22.06 -11.54
N ILE B 163 23.68 20.80 -11.90
CA ILE B 163 24.10 19.81 -10.92
C ILE B 163 25.38 20.31 -10.26
N GLU B 164 26.33 20.76 -11.07
CA GLU B 164 27.60 21.26 -10.55
C GLU B 164 27.41 22.48 -9.66
N ALA B 165 26.59 23.42 -10.10
CA ALA B 165 26.34 24.63 -9.32
C ALA B 165 25.71 24.31 -7.96
N VAL B 166 24.74 23.42 -7.96
CA VAL B 166 24.07 23.03 -6.72
C VAL B 166 25.08 22.46 -5.72
N ARG B 167 25.93 21.55 -6.17
CA ARG B 167 26.93 20.94 -5.29
C ARG B 167 28.02 21.93 -4.88
N ARG B 168 28.39 22.83 -5.78
CA ARG B 168 29.42 23.82 -5.44
C ARG B 168 28.98 24.70 -4.29
N GLN B 169 27.68 24.95 -4.18
CA GLN B 169 27.12 25.77 -3.11
C GLN B 169 26.91 25.01 -1.82
N GLY B 170 27.20 23.72 -1.82
CA GLY B 170 27.05 22.92 -0.62
C GLY B 170 25.66 22.35 -0.38
N ILE B 171 24.80 22.39 -1.39
CA ILE B 171 23.46 21.85 -1.24
C ILE B 171 23.58 20.33 -1.39
N SER B 172 23.07 19.59 -0.41
CA SER B 172 23.17 18.13 -0.42
C SER B 172 21.90 17.35 -0.75
N ILE B 173 20.88 18.02 -1.24
CA ILE B 173 19.64 17.32 -1.58
C ILE B 173 19.90 16.22 -2.62
N PRO B 174 19.18 15.10 -2.52
CA PRO B 174 19.39 14.02 -3.49
C PRO B 174 19.04 14.52 -4.88
N ILE B 175 19.90 14.23 -5.85
CA ILE B 175 19.72 14.68 -7.23
C ILE B 175 19.75 13.55 -8.24
N VAL B 176 18.82 13.59 -9.19
CA VAL B 176 18.83 12.61 -10.27
C VAL B 176 18.83 13.42 -11.56
N GLY B 177 19.69 13.05 -12.51
CA GLY B 177 19.73 13.75 -13.78
C GLY B 177 18.82 13.05 -14.77
N ILE B 178 18.22 13.80 -15.69
CA ILE B 178 17.33 13.22 -16.69
C ILE B 178 17.38 13.98 -18.01
N GLY B 179 17.10 13.27 -19.10
CA GLY B 179 17.09 13.88 -20.42
C GLY B 179 18.13 13.36 -21.39
N GLY B 180 17.72 12.48 -22.29
CA GLY B 180 18.64 11.94 -23.27
C GLY B 180 19.81 11.16 -22.73
N ILE B 181 19.65 10.61 -21.53
CA ILE B 181 20.73 9.85 -20.91
C ILE B 181 20.82 8.42 -21.47
N THR B 182 22.04 8.02 -21.79
CA THR B 182 22.33 6.69 -22.32
C THR B 182 23.44 6.09 -21.48
N ILE B 183 23.75 4.82 -21.74
CA ILE B 183 24.81 4.16 -20.99
C ILE B 183 26.14 4.85 -21.31
N ASP B 184 26.25 5.36 -22.53
CA ASP B 184 27.45 6.02 -22.99
C ASP B 184 27.71 7.42 -22.43
N ASN B 185 26.66 8.14 -22.03
CA ASN B 185 26.85 9.49 -21.50
C ASN B 185 26.42 9.66 -20.05
N ALA B 186 26.17 8.54 -19.37
CA ALA B 186 25.71 8.58 -17.98
C ALA B 186 26.77 8.94 -16.93
N ALA B 187 27.97 8.42 -17.08
CA ALA B 187 29.04 8.68 -16.12
C ALA B 187 29.25 10.15 -15.76
N PRO B 188 29.35 11.03 -16.77
CA PRO B 188 29.55 12.46 -16.47
C PRO B 188 28.50 13.07 -15.55
N VAL B 189 27.28 12.53 -15.60
CA VAL B 189 26.21 13.04 -14.75
C VAL B 189 26.52 12.71 -13.29
N ILE B 190 27.02 11.50 -13.05
CA ILE B 190 27.39 11.08 -11.70
C ILE B 190 28.62 11.86 -11.24
N GLN B 191 29.59 12.01 -12.13
CA GLN B 191 30.81 12.74 -11.79
C GLN B 191 30.52 14.18 -11.41
N ALA B 192 29.51 14.78 -12.04
CA ALA B 192 29.12 16.15 -11.76
C ALA B 192 28.52 16.32 -10.37
N GLY B 193 28.09 15.21 -9.77
CA GLY B 193 27.51 15.28 -8.44
C GLY B 193 26.13 14.65 -8.27
N ALA B 194 25.54 14.17 -9.35
CA ALA B 194 24.22 13.55 -9.24
C ALA B 194 24.31 12.21 -8.52
N ASP B 195 23.20 11.81 -7.90
CA ASP B 195 23.15 10.55 -7.17
C ASP B 195 22.60 9.41 -8.03
N GLY B 196 22.22 9.74 -9.26
CA GLY B 196 21.70 8.73 -10.15
C GLY B 196 21.27 9.33 -11.48
N VAL B 197 20.85 8.48 -12.40
CA VAL B 197 20.39 8.93 -13.70
C VAL B 197 19.01 8.32 -13.94
N SER B 198 18.17 9.06 -14.65
CA SER B 198 16.83 8.60 -14.96
C SER B 198 16.71 8.58 -16.47
N MET B 199 15.94 7.61 -16.98
CA MET B 199 15.81 7.47 -18.42
C MET B 199 14.51 6.80 -18.82
N ILE B 200 14.10 7.05 -20.06
CA ILE B 200 12.92 6.40 -20.59
C ILE B 200 13.34 5.54 -21.79
N SER B 201 13.61 6.19 -22.92
CA SER B 201 13.95 5.49 -24.15
C SER B 201 15.19 4.58 -24.15
N ALA B 202 16.24 4.96 -23.45
CA ALA B 202 17.45 4.14 -23.43
C ALA B 202 17.13 2.70 -23.01
N ILE B 203 16.09 2.52 -22.21
CA ILE B 203 15.69 1.19 -21.77
C ILE B 203 14.40 0.72 -22.44
N SER B 204 13.39 1.58 -22.47
CA SER B 204 12.09 1.21 -23.04
C SER B 204 12.11 0.81 -24.51
N GLN B 205 13.05 1.36 -25.28
CA GLN B 205 13.15 1.05 -26.70
C GLN B 205 14.34 0.16 -27.04
N ALA B 206 15.04 -0.31 -26.02
CA ALA B 206 16.20 -1.17 -26.21
C ALA B 206 15.74 -2.56 -26.65
N GLU B 207 16.57 -3.23 -27.44
CA GLU B 207 16.24 -4.56 -27.93
C GLU B 207 16.17 -5.53 -26.75
N ASP B 208 16.98 -5.28 -25.73
CA ASP B 208 17.04 -6.11 -24.54
C ASP B 208 17.03 -5.20 -23.32
N PRO B 209 15.82 -4.83 -22.85
CA PRO B 209 15.66 -3.94 -21.69
C PRO B 209 16.36 -4.42 -20.42
N GLU B 210 16.38 -5.73 -20.21
CA GLU B 210 17.03 -6.30 -19.02
C GLU B 210 18.52 -6.03 -19.03
N SER B 211 19.17 -6.29 -20.16
CA SER B 211 20.61 -6.06 -20.29
C SER B 211 20.92 -4.57 -20.25
N ALA B 212 20.03 -3.77 -20.82
CA ALA B 212 20.23 -2.32 -20.82
C ALA B 212 20.25 -1.83 -19.37
N ALA B 213 19.29 -2.30 -18.58
CA ALA B 213 19.21 -1.91 -17.18
C ALA B 213 20.43 -2.40 -16.42
N ARG B 214 20.88 -3.62 -16.71
CA ARG B 214 22.05 -4.17 -16.03
C ARG B 214 23.29 -3.35 -16.34
N LYS B 215 23.44 -2.94 -17.60
CA LYS B 215 24.59 -2.14 -18.00
C LYS B 215 24.57 -0.79 -17.29
N PHE B 216 23.40 -0.19 -17.17
CA PHE B 216 23.27 1.09 -16.47
C PHE B 216 23.68 0.90 -15.02
N ARG B 217 23.16 -0.14 -14.39
CA ARG B 217 23.47 -0.43 -13.00
C ARG B 217 24.98 -0.59 -12.75
N GLU B 218 25.64 -1.35 -13.62
CA GLU B 218 27.07 -1.57 -13.47
C GLU B 218 27.86 -0.26 -13.63
N GLU B 219 27.51 0.51 -14.65
CA GLU B 219 28.18 1.77 -14.93
C GLU B 219 27.99 2.77 -13.77
N ILE B 220 26.76 2.91 -13.30
CA ILE B 220 26.47 3.85 -12.22
C ILE B 220 27.15 3.45 -10.91
N GLN B 221 27.14 2.17 -10.59
CA GLN B 221 27.76 1.70 -9.35
C GLN B 221 29.25 1.99 -9.38
N THR B 222 29.87 1.81 -10.54
CA THR B 222 31.30 2.05 -10.67
C THR B 222 31.66 3.49 -10.34
N TYR B 223 30.90 4.45 -10.89
CA TYR B 223 31.19 5.85 -10.65
C TYR B 223 30.73 6.39 -9.31
N LYS B 224 29.75 5.75 -8.69
CA LYS B 224 29.28 6.21 -7.39
C LYS B 224 30.26 5.76 -6.32
N THR B 225 31.00 4.68 -6.61
CA THR B 225 31.99 4.17 -5.68
C THR B 225 33.18 5.11 -5.60
N GLY B 226 33.55 5.68 -6.73
CA GLY B 226 34.68 6.59 -6.78
C GLY B 226 34.37 8.02 -6.34
N ARG B 227 33.18 8.23 -5.79
CA ARG B 227 32.76 9.54 -5.33
C ARG B 227 33.51 9.91 -4.05
MG MG C . -4.02 -11.73 18.69
N1A FTP D . -12.36 -10.68 16.74
C2A FTP D . -11.78 -10.31 15.55
CM2 FTP D . -12.47 -9.29 14.76
N3A FTP D . -10.67 -10.86 15.09
C4A FTP D . -10.06 -11.86 15.82
N4A FTP D . -8.94 -12.39 15.31
C5A FTP D . -10.63 -12.31 17.08
C6A FTP D . -11.78 -11.66 17.49
C7A FTP D . -10.05 -13.43 17.94
N3 FTP D . -11.02 -14.69 17.84
C2 FTP D . -11.96 -14.95 18.75
S1 FTP D . -12.95 -16.26 18.39
C5 FTP D . -12.06 -16.51 16.92
C4 FTP D . -11.04 -15.58 16.78
CM4 FTP D . -10.08 -15.51 15.61
C6 FTP D . -12.39 -17.65 15.94
C7 FTP D . -13.65 -17.60 15.15
O7 FTP D . -13.69 -18.81 14.34
P1 FTP D . -15.08 -19.47 13.89
O1 FTP D . -15.76 -19.79 15.19
O2 FTP D . -14.78 -20.59 12.99
O3 FTP D . -15.85 -18.36 13.04
F1 FTP D . -13.51 -9.85 14.16
F2 FTP D . -11.68 -8.80 13.84
F3 FTP D . -12.94 -8.34 15.53
P1 POP E . -6.98 -12.36 19.91
O1 POP E . -7.58 -11.38 19.00
O2 POP E . -5.48 -11.93 20.21
O3 POP E . -7.54 -12.51 21.27
O POP E . -6.85 -13.75 19.11
P2 POP E . -6.11 -14.26 17.83
O4 POP E . -7.12 -14.14 16.78
O5 POP E . -4.94 -13.40 17.64
O6 POP E . -5.80 -15.67 18.20
MG MG F . 4.47 16.80 -14.34
N1A FTP G . 12.61 14.08 -13.79
C2A FTP G . 11.93 13.01 -13.22
CM2 FTP G . 12.62 12.29 -12.16
N3A FTP G . 10.72 12.64 -13.62
C4A FTP G . 10.11 13.31 -14.65
N4A FTP G . 8.90 12.89 -15.01
C5A FTP G . 10.78 14.43 -15.31
C6A FTP G . 12.02 14.77 -14.82
C7A FTP G . 10.20 15.23 -16.49
N3 FTP G . 11.06 14.90 -17.78
C2 FTP G . 12.07 15.69 -18.19
S1 FTP G . 12.94 15.11 -19.51
C5 FTP G . 11.91 13.71 -19.54
C4 FTP G . 10.94 13.76 -18.55
CM4 FTP G . 9.89 12.71 -18.30
C6 FTP G . 12.08 12.59 -20.58
C7 FTP G . 13.28 11.70 -20.53
O7 FTP G . 13.14 10.75 -21.63
P1 FTP G . 14.43 10.11 -22.35
O1 FTP G . 15.13 11.32 -22.87
O2 FTP G . 13.95 9.12 -23.34
O3 FTP G . 15.24 9.33 -21.22
F1 FTP G . 11.79 11.50 -11.49
F2 FTP G . 13.23 13.08 -11.31
F3 FTP G . 13.50 11.50 -12.74
P1 POP H . 7.37 17.61 -15.24
O1 POP H . 8.19 16.94 -14.21
O2 POP H . 6.05 18.17 -14.84
O3 POP H . 8.30 18.81 -15.71
O POP H . 7.11 16.71 -16.55
P2 POP H . 6.21 15.49 -16.91
O4 POP H . 7.09 14.34 -16.74
O5 POP H . 5.08 15.53 -15.96
O6 POP H . 5.86 15.78 -18.31
#